data_2PW1
#
_entry.id   2PW1
#
_cell.length_a   58.100
_cell.length_b   65.200
_cell.length_c   175.100
_cell.angle_alpha   90.00
_cell.angle_beta   90.00
_cell.angle_gamma   90.00
#
_symmetry.space_group_name_H-M   'P 21 21 21'
#
loop_
_entity.id
_entity.type
_entity.pdbx_description
1 polymer '2F5 Fab fragment heavy chain'
2 polymer '2F5 Fab fragment light chain'
3 polymer 'peptide epitope'
4 water water
#
loop_
_entity_poly.entity_id
_entity_poly.type
_entity_poly.pdbx_seq_one_letter_code
_entity_poly.pdbx_strand_id
1 'polypeptide(L)'
;ALQLTQSPSSLSASVGDRITITCRASQGVTSALAWYRQKPGSPPQLLIYDASSLESGVPSRFSGSGSGTEFTLTISTLRP
EDFATYYCQQLHFYPHTFGGGTRVDVRRTVAAPSVFIFPPSDEQLKSGTASVVCLLNNFYPREAKVQWKVDNALQSGNSQ
ESVTEQDSKDSTYSLSSTLTLSKADYEKHKVYECEVTHQGLSSPVTKSFNRGEC
;
A
2 'polypeptide(L)'
;RITLKESGPPLVKPTQTLTLTCSFSGFSLSDFGVGVGWIRQPPGKALEWLAIIYSDDDKRYSPSLNTRLTITKDTSKNQV
VLVMTRVSPVDTATYFCAHRRGPTTLFGVPIARGPVNAMDVWGQGITVTISSTSTKGPSVFPLAPSSKSTAGGTAALGCL
VKDYFPEPVTVSWNSGALTSGVHTFPAVLQSSGLYSLSSVVTVPSSSLGTQTYTCNVNHKPSNTKVDKRVEPKSC
;
B
3 'polypeptide(L)' ELDKWNSL C
#
# COMPACT_ATOMS: atom_id res chain seq x y z
N ALA A 1 15.08 16.41 4.32
CA ALA A 1 15.03 16.04 5.77
C ALA A 1 15.91 14.84 6.11
N LEU A 2 15.54 14.15 7.18
CA LEU A 2 16.29 12.99 7.62
C LEU A 2 15.99 11.80 6.76
N GLN A 3 17.05 11.15 6.33
CA GLN A 3 16.91 10.00 5.49
C GLN A 3 17.04 8.70 6.28
N LEU A 4 15.99 7.89 6.20
CA LEU A 4 15.94 6.62 6.92
C LEU A 4 15.73 5.50 5.89
N THR A 5 16.82 4.78 5.62
CA THR A 5 16.86 3.71 4.64
C THR A 5 16.79 2.32 5.26
N GLN A 6 15.84 1.49 4.81
CA GLN A 6 15.72 0.14 5.36
C GLN A 6 16.34 -0.91 4.45
N SER A 7 16.94 -1.92 5.07
CA SER A 7 17.56 -3.00 4.32
C SER A 7 17.32 -4.35 4.98
N PRO A 8 16.91 -5.34 4.18
CA PRO A 8 16.68 -5.11 2.75
C PRO A 8 15.28 -4.57 2.55
N SER A 9 14.86 -4.38 1.30
CA SER A 9 13.53 -3.87 1.02
C SER A 9 12.54 -5.01 1.12
N SER A 10 13.00 -6.18 0.69
CA SER A 10 12.17 -7.36 0.71
C SER A 10 13.04 -8.51 1.22
N LEU A 11 12.42 -9.40 1.99
CA LEU A 11 13.14 -10.51 2.58
C LEU A 11 12.38 -11.82 2.49
N SER A 12 13.06 -12.82 1.96
CA SER A 12 12.50 -14.15 1.77
C SER A 12 12.80 -15.03 2.98
N ALA A 13 11.79 -15.67 3.56
CA ALA A 13 12.07 -16.51 4.71
C ALA A 13 11.03 -17.57 5.02
N SER A 14 11.40 -18.46 5.94
CA SER A 14 10.52 -19.57 6.33
C SER A 14 10.37 -19.61 7.83
N VAL A 15 9.33 -20.29 8.29
CA VAL A 15 9.04 -20.42 9.70
C VAL A 15 10.14 -21.11 10.51
N GLY A 16 10.71 -20.37 11.45
CA GLY A 16 11.76 -20.93 12.29
C GLY A 16 13.05 -20.20 12.06
N ASP A 17 13.13 -19.49 10.95
CA ASP A 17 14.31 -18.74 10.56
C ASP A 17 14.58 -17.57 11.49
N ARG A 18 15.81 -17.10 11.45
CA ARG A 18 16.21 -15.96 12.24
C ARG A 18 16.46 -14.88 11.24
N ILE A 19 15.83 -13.73 11.40
CA ILE A 19 16.08 -12.70 10.42
C ILE A 19 16.50 -11.39 11.04
N THR A 20 17.14 -10.55 10.24
CA THR A 20 17.56 -9.25 10.71
C THR A 20 17.32 -8.23 9.62
N ILE A 21 16.73 -7.12 10.06
CA ILE A 21 16.40 -6.00 9.20
C ILE A 21 17.18 -4.85 9.76
N THR A 22 17.72 -4.02 8.91
CA THR A 22 18.45 -2.88 9.43
C THR A 22 17.81 -1.60 8.93
N CYS A 23 18.10 -0.51 9.63
CA CYS A 23 17.55 0.78 9.31
C CYS A 23 18.71 1.74 9.54
N ARG A 24 19.01 2.50 8.50
CA ARG A 24 20.14 3.43 8.49
C ARG A 24 19.65 4.87 8.42
N ALA A 25 20.23 5.75 9.23
CA ALA A 25 19.84 7.16 9.22
C ALA A 25 20.93 8.06 8.63
N SER A 26 20.53 9.18 8.05
CA SER A 26 21.49 10.12 7.46
C SER A 26 22.25 10.89 8.52
N GLN A 27 21.71 10.92 9.73
CA GLN A 27 22.36 11.59 10.85
C GLN A 27 21.98 10.85 12.09
N GLY A 28 22.78 11.01 13.13
CA GLY A 28 22.49 10.32 14.37
C GLY A 28 21.13 10.71 14.88
N VAL A 29 20.38 9.72 15.32
CA VAL A 29 19.06 9.92 15.88
C VAL A 29 19.09 9.42 17.32
N THR A 30 20.31 9.16 17.80
CA THR A 30 20.55 8.66 19.16
C THR A 30 19.85 7.33 19.35
N SER A 31 19.05 7.17 20.40
CA SER A 31 18.35 5.90 20.58
C SER A 31 16.88 6.06 20.21
N ALA A 32 16.51 7.25 19.75
CA ALA A 32 15.13 7.55 19.39
C ALA A 32 14.69 6.88 18.09
N LEU A 33 14.47 5.57 18.15
CA LEU A 33 14.04 4.83 16.98
C LEU A 33 13.08 3.74 17.37
N ALA A 34 12.03 3.56 16.58
CA ALA A 34 11.01 2.56 16.86
C ALA A 34 10.84 1.56 15.72
N TRP A 35 10.44 0.33 16.05
CA TRP A 35 10.18 -0.68 15.03
C TRP A 35 8.72 -1.10 15.14
N TYR A 36 8.09 -1.29 13.98
CA TYR A 36 6.69 -1.68 13.93
C TYR A 36 6.48 -2.83 12.98
N ARG A 37 5.41 -3.57 13.19
CA ARG A 37 5.07 -4.65 12.29
C ARG A 37 3.67 -4.37 11.81
N GLN A 38 3.49 -4.44 10.51
CA GLN A 38 2.18 -4.18 9.97
C GLN A 38 1.69 -5.31 9.08
N LYS A 39 0.61 -5.92 9.51
CA LYS A 39 0.03 -6.97 8.72
C LYS A 39 -0.99 -6.28 7.86
N PRO A 40 -1.23 -6.83 6.67
CA PRO A 40 -2.17 -6.27 5.71
C PRO A 40 -3.54 -5.96 6.27
N GLY A 41 -4.01 -4.76 5.98
CA GLY A 41 -5.29 -4.34 6.46
C GLY A 41 -5.31 -3.95 7.91
N SER A 42 -4.15 -3.90 8.55
CA SER A 42 -4.15 -3.50 9.94
C SER A 42 -3.18 -2.37 10.15
N PRO A 43 -3.28 -1.73 11.30
CA PRO A 43 -2.32 -0.65 11.50
C PRO A 43 -1.02 -1.25 12.03
N PRO A 44 0.02 -0.43 12.03
CA PRO A 44 1.35 -0.78 12.52
C PRO A 44 1.24 -1.16 13.99
N GLN A 45 2.05 -2.13 14.40
CA GLN A 45 2.04 -2.52 15.79
C GLN A 45 3.45 -2.25 16.29
N LEU A 46 3.55 -1.63 17.45
CA LEU A 46 4.84 -1.33 18.04
C LEU A 46 5.48 -2.59 18.59
N LEU A 47 6.76 -2.79 18.28
CA LEU A 47 7.49 -3.95 18.78
C LEU A 47 8.63 -3.49 19.68
N ILE A 48 9.42 -2.52 19.20
CA ILE A 48 10.55 -1.99 19.94
C ILE A 48 10.49 -0.47 19.97
N TYR A 49 10.78 0.10 21.14
CA TYR A 49 10.83 1.55 21.33
C TYR A 49 12.19 1.91 21.93
N ASP A 50 12.66 3.11 21.67
CA ASP A 50 13.95 3.56 22.21
C ASP A 50 15.09 2.60 21.80
N ALA A 51 15.08 2.26 20.52
CA ALA A 51 16.06 1.37 19.88
C ALA A 51 16.16 -0.05 20.39
N SER A 52 16.00 -0.27 21.69
CA SER A 52 16.14 -1.64 22.17
C SER A 52 15.10 -2.11 23.14
N SER A 53 14.22 -1.24 23.60
CA SER A 53 13.26 -1.69 24.60
C SER A 53 12.09 -2.46 24.06
N LEU A 54 11.85 -3.62 24.67
CA LEU A 54 10.75 -4.46 24.26
C LEU A 54 9.47 -3.88 24.83
N GLU A 55 8.50 -3.70 23.95
CA GLU A 55 7.21 -3.15 24.30
C GLU A 55 6.34 -4.22 24.97
N SER A 56 5.58 -3.80 25.97
CA SER A 56 4.70 -4.70 26.72
C SER A 56 3.76 -5.50 25.83
N GLY A 57 3.74 -6.81 26.04
CA GLY A 57 2.84 -7.66 25.26
C GLY A 57 3.44 -8.17 23.96
N VAL A 58 4.63 -7.70 23.64
CA VAL A 58 5.29 -8.13 22.42
C VAL A 58 6.17 -9.34 22.77
N PRO A 59 6.13 -10.39 21.92
CA PRO A 59 6.91 -11.61 22.12
C PRO A 59 8.40 -11.35 22.26
N SER A 60 9.07 -12.17 23.06
CA SER A 60 10.50 -12.02 23.28
C SER A 60 11.35 -12.32 22.05
N ARG A 61 10.77 -12.93 21.02
CA ARG A 61 11.55 -13.22 19.83
C ARG A 61 11.93 -11.96 19.06
N PHE A 62 11.33 -10.82 19.43
CA PHE A 62 11.66 -9.55 18.78
C PHE A 62 12.72 -8.87 19.59
N SER A 63 13.70 -8.31 18.89
CA SER A 63 14.82 -7.69 19.56
C SER A 63 15.37 -6.52 18.74
N GLY A 64 15.76 -5.45 19.40
CA GLY A 64 16.31 -4.32 18.68
C GLY A 64 17.65 -3.88 19.23
N SER A 65 18.56 -3.50 18.35
CA SER A 65 19.86 -3.05 18.80
C SER A 65 20.34 -1.90 17.92
N GLY A 66 21.43 -1.28 18.36
CA GLY A 66 22.02 -0.18 17.63
C GLY A 66 21.60 1.17 18.18
N SER A 67 22.38 2.19 17.81
CA SER A 67 22.12 3.57 18.19
C SER A 67 22.86 4.42 17.16
N GLY A 68 22.58 5.72 17.13
CA GLY A 68 23.26 6.58 16.19
C GLY A 68 22.71 6.59 14.77
N THR A 69 23.28 5.78 13.89
CA THR A 69 22.86 5.77 12.49
C THR A 69 22.55 4.39 11.94
N GLU A 70 22.86 3.36 12.73
CA GLU A 70 22.65 1.97 12.35
C GLU A 70 21.73 1.28 13.34
N PHE A 71 20.65 0.70 12.85
CA PHE A 71 19.73 0.01 13.72
C PHE A 71 19.34 -1.33 13.12
N THR A 72 19.12 -2.32 13.97
CA THR A 72 18.72 -3.62 13.49
C THR A 72 17.59 -4.20 14.31
N LEU A 73 16.72 -4.94 13.63
CA LEU A 73 15.61 -5.62 14.26
C LEU A 73 15.88 -7.09 14.02
N THR A 74 15.79 -7.88 15.08
CA THR A 74 16.04 -9.30 14.95
C THR A 74 14.85 -10.09 15.42
N ILE A 75 14.43 -11.05 14.61
CA ILE A 75 13.33 -11.93 14.98
C ILE A 75 14.06 -13.27 15.03
N SER A 76 14.29 -13.78 16.23
CA SER A 76 15.04 -15.03 16.41
C SER A 76 14.43 -16.28 15.80
N THR A 77 13.13 -16.46 15.98
CA THR A 77 12.46 -17.62 15.41
C THR A 77 11.20 -17.08 14.79
N LEU A 78 11.16 -17.12 13.47
CA LEU A 78 10.03 -16.61 12.72
C LEU A 78 8.75 -17.41 12.90
N ARG A 79 7.71 -16.72 13.33
CA ARG A 79 6.38 -17.30 13.52
C ARG A 79 5.58 -16.88 12.26
N PRO A 80 4.46 -17.55 11.97
CA PRO A 80 3.66 -17.16 10.78
C PRO A 80 3.04 -15.75 10.77
N GLU A 81 2.78 -15.21 11.95
CA GLU A 81 2.20 -13.87 12.07
C GLU A 81 3.26 -12.84 11.67
N ASP A 82 4.49 -13.30 11.47
CA ASP A 82 5.59 -12.41 11.14
C ASP A 82 5.78 -12.14 9.67
N PHE A 83 5.03 -12.84 8.84
CA PHE A 83 5.11 -12.60 7.42
C PHE A 83 4.30 -11.34 7.26
N ALA A 84 5.04 -10.23 7.18
CA ALA A 84 4.42 -8.94 7.08
C ALA A 84 5.46 -7.91 6.67
N THR A 85 5.09 -6.65 6.84
CA THR A 85 5.97 -5.56 6.48
C THR A 85 6.40 -4.85 7.75
N TYR A 86 7.68 -4.55 7.82
CA TYR A 86 8.28 -3.90 8.97
C TYR A 86 8.71 -2.47 8.69
N TYR A 87 8.59 -1.63 9.70
CA TYR A 87 8.95 -0.23 9.56
C TYR A 87 9.77 0.34 10.68
N CYS A 88 10.66 1.25 10.36
CA CYS A 88 11.41 1.92 11.41
C CYS A 88 10.97 3.36 11.39
N GLN A 89 11.01 3.97 12.56
CA GLN A 89 10.65 5.35 12.68
C GLN A 89 11.67 6.04 13.56
N GLN A 90 11.94 7.28 13.22
CA GLN A 90 12.92 8.11 13.89
C GLN A 90 12.12 9.22 14.60
N LEU A 91 12.45 9.50 15.87
CA LEU A 91 11.73 10.54 16.63
C LEU A 91 12.65 11.50 17.36
N HIS A 92 13.83 11.71 16.80
CA HIS A 92 14.83 12.59 17.37
C HIS A 92 14.80 13.96 16.70
N PHE A 93 14.26 13.99 15.48
CA PHE A 93 14.14 15.20 14.71
C PHE A 93 12.76 15.31 14.16
N TYR A 94 12.36 16.55 13.91
CA TYR A 94 11.08 16.82 13.30
C TYR A 94 11.50 17.06 11.87
N PRO A 95 10.80 16.45 10.91
CA PRO A 95 9.65 15.57 11.19
C PRO A 95 10.04 14.13 11.52
N HIS A 96 9.18 13.45 12.28
CA HIS A 96 9.40 12.07 12.71
C HIS A 96 9.39 11.05 11.56
N THR A 97 10.52 10.92 10.89
CA THR A 97 10.66 10.04 9.74
C THR A 97 10.44 8.53 9.86
N PHE A 98 9.83 7.99 8.81
CA PHE A 98 9.55 6.57 8.68
C PHE A 98 10.43 5.96 7.59
N GLY A 99 10.79 4.70 7.78
CA GLY A 99 11.58 4.02 6.77
C GLY A 99 10.66 3.59 5.64
N GLY A 100 11.25 3.05 4.58
CA GLY A 100 10.47 2.62 3.43
C GLY A 100 9.75 1.31 3.64
N GLY A 101 10.20 0.54 4.62
CA GLY A 101 9.56 -0.73 4.90
C GLY A 101 10.34 -1.92 4.40
N THR A 102 10.15 -3.05 5.07
CA THR A 102 10.79 -4.29 4.69
C THR A 102 9.70 -5.33 4.73
N ARG A 103 9.46 -5.90 3.56
CA ARG A 103 8.45 -6.92 3.38
C ARG A 103 9.09 -8.28 3.62
N VAL A 104 8.42 -9.10 4.42
CA VAL A 104 8.93 -10.42 4.73
C VAL A 104 7.94 -11.45 4.23
N ASP A 105 8.27 -12.10 3.12
CA ASP A 105 7.38 -13.09 2.57
C ASP A 105 7.89 -14.51 2.71
N VAL A 106 6.98 -15.45 2.45
CA VAL A 106 7.24 -16.87 2.54
C VAL A 106 8.16 -17.29 1.42
N ARG A 107 9.24 -17.95 1.79
CA ARG A 107 10.21 -18.38 0.79
C ARG A 107 9.80 -19.60 0.03
N ARG A 108 10.23 -19.62 -1.22
CA ARG A 108 10.00 -20.76 -2.06
C ARG A 108 10.96 -20.68 -3.21
N THR A 109 10.82 -21.67 -4.06
CA THR A 109 11.65 -21.81 -5.22
C THR A 109 11.37 -20.73 -6.23
N VAL A 110 12.42 -20.27 -6.88
CA VAL A 110 12.26 -19.24 -7.89
C VAL A 110 11.38 -19.78 -9.01
N ALA A 111 10.43 -18.96 -9.41
CA ALA A 111 9.51 -19.34 -10.45
C ALA A 111 9.37 -18.18 -11.39
N ALA A 112 9.63 -18.43 -12.66
CA ALA A 112 9.50 -17.39 -13.67
C ALA A 112 8.02 -17.19 -13.98
N PRO A 113 7.66 -15.98 -14.38
CA PRO A 113 6.28 -15.64 -14.71
C PRO A 113 5.85 -16.16 -16.07
N SER A 114 4.58 -16.54 -16.18
CA SER A 114 4.01 -16.97 -17.44
C SER A 114 3.54 -15.63 -17.95
N VAL A 115 3.99 -15.24 -19.13
CA VAL A 115 3.58 -13.95 -19.65
C VAL A 115 2.52 -14.10 -20.73
N PHE A 116 1.61 -13.13 -20.75
CA PHE A 116 0.50 -13.13 -21.69
C PHE A 116 0.13 -11.70 -22.07
N ILE A 117 -0.04 -11.44 -23.35
CA ILE A 117 -0.45 -10.10 -23.74
C ILE A 117 -1.84 -10.16 -24.35
N PHE A 118 -2.69 -9.22 -23.96
CA PHE A 118 -4.05 -9.17 -24.48
C PHE A 118 -4.25 -7.90 -25.23
N PRO A 119 -4.72 -7.99 -26.47
CA PRO A 119 -4.92 -6.73 -27.17
C PRO A 119 -6.31 -6.26 -26.78
N PRO A 120 -6.63 -5.00 -27.06
CA PRO A 120 -7.94 -4.46 -26.72
C PRO A 120 -9.10 -5.06 -27.50
N SER A 121 -10.24 -5.11 -26.82
CA SER A 121 -11.48 -5.64 -27.39
C SER A 121 -12.04 -4.61 -28.36
N ASP A 122 -12.60 -5.08 -29.47
CA ASP A 122 -13.19 -4.19 -30.44
C ASP A 122 -14.33 -3.43 -29.81
N GLU A 123 -14.90 -4.01 -28.77
CA GLU A 123 -16.01 -3.35 -28.09
C GLU A 123 -15.55 -2.07 -27.41
N GLN A 124 -14.33 -2.12 -26.87
CA GLN A 124 -13.77 -0.98 -26.19
C GLN A 124 -13.22 0.03 -27.19
N LEU A 125 -12.61 -0.48 -28.26
CA LEU A 125 -12.08 0.40 -29.28
C LEU A 125 -13.18 1.33 -29.80
N LYS A 126 -14.40 0.81 -29.80
CA LYS A 126 -15.59 1.54 -30.25
C LYS A 126 -15.93 2.72 -29.35
N SER A 127 -15.43 2.67 -28.12
CA SER A 127 -15.69 3.73 -27.16
C SER A 127 -14.64 4.83 -27.19
N GLY A 128 -13.60 4.63 -27.99
CA GLY A 128 -12.56 5.64 -28.11
C GLY A 128 -11.30 5.37 -27.29
N THR A 129 -11.26 4.24 -26.59
CA THR A 129 -10.09 3.93 -25.80
C THR A 129 -9.52 2.55 -26.13
N ALA A 130 -8.23 2.38 -25.85
CA ALA A 130 -7.57 1.12 -26.12
C ALA A 130 -6.75 0.68 -24.92
N SER A 131 -7.10 -0.44 -24.33
CA SER A 131 -6.34 -0.93 -23.19
C SER A 131 -5.60 -2.22 -23.50
N VAL A 132 -4.29 -2.18 -23.33
CA VAL A 132 -3.49 -3.36 -23.58
C VAL A 132 -3.02 -3.86 -22.23
N VAL A 133 -3.24 -5.15 -22.00
CA VAL A 133 -2.91 -5.77 -20.74
C VAL A 133 -1.87 -6.88 -20.83
N CYS A 134 -0.90 -6.82 -19.92
CA CYS A 134 0.15 -7.81 -19.86
C CYS A 134 -0.06 -8.52 -18.53
N LEU A 135 -0.05 -9.85 -18.56
CA LEU A 135 -0.22 -10.62 -17.35
C LEU A 135 1.05 -11.41 -17.08
N LEU A 136 1.52 -11.29 -15.85
CA LEU A 136 2.71 -11.98 -15.37
C LEU A 136 2.13 -12.88 -14.30
N ASN A 137 2.03 -14.16 -14.65
CA ASN A 137 1.41 -15.13 -13.78
C ASN A 137 2.33 -16.05 -12.97
N ASN A 138 1.97 -16.21 -11.71
CA ASN A 138 2.66 -17.08 -10.76
C ASN A 138 4.18 -17.10 -10.75
N PHE A 139 4.76 -16.00 -10.31
CA PHE A 139 6.21 -15.90 -10.24
C PHE A 139 6.73 -15.68 -8.85
N TYR A 140 8.05 -15.82 -8.73
CA TYR A 140 8.73 -15.63 -7.48
C TYR A 140 10.23 -15.54 -7.72
N PRO A 141 10.92 -14.58 -7.08
CA PRO A 141 10.32 -13.63 -6.14
C PRO A 141 9.37 -12.57 -6.71
N ARG A 142 8.95 -11.69 -5.81
CA ARG A 142 8.00 -10.64 -6.11
C ARG A 142 8.46 -9.56 -7.07
N GLU A 143 9.76 -9.31 -7.09
CA GLU A 143 10.27 -8.27 -7.95
C GLU A 143 10.22 -8.68 -9.41
N ALA A 144 9.58 -7.83 -10.19
CA ALA A 144 9.42 -8.06 -11.62
C ALA A 144 9.39 -6.68 -12.23
N LYS A 145 9.53 -6.63 -13.54
CA LYS A 145 9.51 -5.34 -14.18
C LYS A 145 8.98 -5.44 -15.61
N VAL A 146 7.98 -4.62 -15.87
CA VAL A 146 7.31 -4.58 -17.14
C VAL A 146 7.70 -3.35 -17.95
N GLN A 147 7.99 -3.58 -19.22
CA GLN A 147 8.33 -2.47 -20.11
C GLN A 147 7.53 -2.59 -21.39
N TRP A 148 6.74 -1.57 -21.67
CA TRP A 148 5.91 -1.54 -22.87
C TRP A 148 6.62 -0.84 -24.01
N LYS A 149 6.49 -1.40 -25.19
CA LYS A 149 7.08 -0.78 -26.36
C LYS A 149 6.07 -0.83 -27.46
N VAL A 150 5.94 0.30 -28.16
CA VAL A 150 5.02 0.42 -29.27
C VAL A 150 5.86 0.80 -30.47
N ASP A 151 5.91 -0.07 -31.47
CA ASP A 151 6.71 0.19 -32.67
C ASP A 151 8.10 0.64 -32.25
N ASN A 152 8.57 -0.12 -31.25
CA ASN A 152 9.84 0.00 -30.58
C ASN A 152 10.12 1.23 -29.77
N ALA A 153 9.09 2.05 -29.62
CA ALA A 153 9.21 3.23 -28.81
C ALA A 153 8.90 2.71 -27.42
N LEU A 154 9.60 3.26 -26.45
CA LEU A 154 9.47 2.89 -25.06
C LEU A 154 8.37 3.69 -24.42
N GLN A 155 7.40 3.02 -23.79
CA GLN A 155 6.32 3.75 -23.17
C GLN A 155 6.65 4.20 -21.75
N SER A 156 6.21 5.41 -21.43
CA SER A 156 6.43 5.98 -20.11
C SER A 156 5.28 6.91 -19.79
N GLY A 157 4.69 6.70 -18.62
CA GLY A 157 3.58 7.54 -18.19
C GLY A 157 2.18 7.10 -18.57
N ASN A 158 2.07 6.02 -19.34
CA ASN A 158 0.75 5.55 -19.76
C ASN A 158 0.38 4.15 -19.31
N SER A 159 0.97 3.68 -18.23
CA SER A 159 0.64 2.35 -17.75
C SER A 159 0.48 2.33 -16.25
N GLN A 160 -0.22 1.32 -15.77
CA GLN A 160 -0.47 1.15 -14.35
C GLN A 160 -0.41 -0.34 -14.05
N GLU A 161 0.28 -0.67 -12.96
CA GLU A 161 0.45 -2.06 -12.53
C GLU A 161 -0.34 -2.35 -11.27
N SER A 162 -0.50 -3.64 -11.02
CA SER A 162 -1.22 -4.13 -9.86
C SER A 162 -0.61 -5.49 -9.54
N VAL A 163 -0.40 -5.78 -8.26
CA VAL A 163 0.17 -7.06 -7.87
C VAL A 163 -0.72 -7.72 -6.84
N THR A 164 -0.81 -9.04 -6.91
CA THR A 164 -1.62 -9.75 -5.96
C THR A 164 -0.81 -9.97 -4.70
N GLU A 165 -1.48 -10.55 -3.71
CA GLU A 165 -0.85 -10.86 -2.45
C GLU A 165 -0.31 -12.28 -2.64
N GLN A 166 0.78 -12.59 -1.96
CA GLN A 166 1.36 -13.91 -2.10
C GLN A 166 0.26 -14.94 -1.97
N ASP A 167 0.32 -15.94 -2.84
CA ASP A 167 -0.68 -16.99 -2.82
C ASP A 167 -0.42 -17.89 -1.63
N SER A 168 -1.47 -18.14 -0.85
CA SER A 168 -1.38 -18.98 0.35
C SER A 168 -0.97 -20.44 0.08
N LYS A 169 -1.02 -20.89 -1.16
CA LYS A 169 -0.64 -22.27 -1.48
C LYS A 169 0.52 -22.33 -2.46
N ASP A 170 0.69 -21.27 -3.23
CA ASP A 170 1.73 -21.20 -4.24
C ASP A 170 2.93 -20.46 -3.76
N SER A 171 2.65 -19.41 -3.00
CA SER A 171 3.67 -18.52 -2.47
C SER A 171 4.17 -17.70 -3.64
N THR A 172 3.34 -17.60 -4.67
CA THR A 172 3.69 -16.83 -5.85
C THR A 172 2.88 -15.54 -5.95
N TYR A 173 3.32 -14.68 -6.84
CA TYR A 173 2.66 -13.42 -7.07
C TYR A 173 2.26 -13.37 -8.53
N SER A 174 1.36 -12.46 -8.84
CA SER A 174 0.93 -12.27 -10.20
C SER A 174 0.81 -10.76 -10.34
N LEU A 175 1.12 -10.27 -11.53
CA LEU A 175 1.10 -8.84 -11.81
C LEU A 175 0.32 -8.50 -13.06
N SER A 176 -0.36 -7.37 -13.05
CA SER A 176 -1.14 -6.95 -14.20
C SER A 176 -0.69 -5.56 -14.61
N SER A 177 -0.42 -5.38 -15.89
CA SER A 177 -0.04 -4.06 -16.35
C SER A 177 -0.94 -3.69 -17.51
N THR A 178 -1.51 -2.51 -17.42
CA THR A 178 -2.43 -2.02 -18.42
C THR A 178 -1.88 -0.78 -19.12
N LEU A 179 -1.65 -0.88 -20.42
CA LEU A 179 -1.17 0.26 -21.18
C LEU A 179 -2.45 0.87 -21.77
N THR A 180 -2.64 2.17 -21.57
CA THR A 180 -3.84 2.83 -22.04
C THR A 180 -3.57 3.92 -23.06
N LEU A 181 -4.20 3.80 -24.22
CA LEU A 181 -4.04 4.77 -25.28
C LEU A 181 -5.39 5.11 -25.84
N SER A 182 -5.41 6.17 -26.64
CA SER A 182 -6.64 6.56 -27.28
C SER A 182 -6.71 5.63 -28.48
N LYS A 183 -7.89 5.46 -29.00
CA LYS A 183 -8.08 4.60 -30.13
C LYS A 183 -7.38 5.18 -31.35
N ALA A 184 -7.43 6.51 -31.50
CA ALA A 184 -6.76 7.17 -32.61
C ALA A 184 -5.35 6.63 -32.57
N ASP A 185 -4.64 7.11 -31.55
CA ASP A 185 -3.27 6.78 -31.20
C ASP A 185 -2.94 5.31 -31.43
N TYR A 186 -3.80 4.44 -30.93
CA TYR A 186 -3.60 2.99 -31.01
C TYR A 186 -3.56 2.49 -32.45
N GLU A 187 -4.32 3.12 -33.32
CA GLU A 187 -4.39 2.70 -34.70
C GLU A 187 -3.29 3.28 -35.55
N LYS A 188 -2.36 3.96 -34.89
CA LYS A 188 -1.23 4.56 -35.59
C LYS A 188 0.00 3.69 -35.41
N HIS A 189 -0.19 2.49 -34.88
CA HIS A 189 0.96 1.63 -34.66
C HIS A 189 0.61 0.18 -34.90
N LYS A 190 1.63 -0.64 -35.09
CA LYS A 190 1.42 -2.04 -35.35
C LYS A 190 1.85 -2.96 -34.23
N VAL A 191 3.07 -2.77 -33.77
CA VAL A 191 3.60 -3.66 -32.75
C VAL A 191 3.55 -3.21 -31.31
N TYR A 192 2.71 -3.91 -30.55
CA TYR A 192 2.52 -3.68 -29.14
C TYR A 192 3.28 -4.80 -28.45
N GLU A 193 4.24 -4.40 -27.62
CA GLU A 193 5.14 -5.32 -26.94
C GLU A 193 5.23 -5.18 -25.42
N CYS A 194 5.20 -6.32 -24.73
CA CYS A 194 5.32 -6.32 -23.28
C CYS A 194 6.62 -7.06 -22.95
N GLU A 195 7.62 -6.33 -22.48
CA GLU A 195 8.91 -6.92 -22.13
C GLU A 195 8.98 -7.17 -20.62
N VAL A 196 9.27 -8.41 -20.25
CA VAL A 196 9.32 -8.78 -18.85
C VAL A 196 10.68 -9.23 -18.34
N THR A 197 11.14 -8.54 -17.30
CA THR A 197 12.41 -8.84 -16.69
C THR A 197 12.17 -9.41 -15.30
N HIS A 198 12.59 -10.65 -15.11
CA HIS A 198 12.42 -11.28 -13.82
C HIS A 198 13.62 -12.14 -13.55
N GLN A 199 13.80 -12.42 -12.27
CA GLN A 199 14.91 -13.20 -11.79
C GLN A 199 15.00 -14.64 -12.26
N GLY A 200 13.84 -15.24 -12.54
CA GLY A 200 13.83 -16.62 -13.01
C GLY A 200 13.87 -16.71 -14.52
N LEU A 201 14.31 -15.63 -15.15
CA LEU A 201 14.43 -15.56 -16.61
C LEU A 201 15.88 -15.23 -16.93
N SER A 202 16.51 -16.04 -17.78
CA SER A 202 17.90 -15.80 -18.18
C SER A 202 17.98 -14.46 -18.87
N SER A 203 16.98 -14.22 -19.69
CA SER A 203 16.89 -12.98 -20.43
C SER A 203 15.44 -12.56 -20.39
N PRO A 204 15.18 -11.28 -20.69
CA PRO A 204 13.85 -10.68 -20.71
C PRO A 204 13.00 -11.42 -21.72
N VAL A 205 11.75 -11.68 -21.37
CA VAL A 205 10.89 -12.34 -22.31
C VAL A 205 9.94 -11.28 -22.84
N THR A 206 9.66 -11.37 -24.14
CA THR A 206 8.78 -10.41 -24.79
C THR A 206 7.63 -11.10 -25.52
N LYS A 207 6.43 -10.59 -25.26
CA LYS A 207 5.18 -11.09 -25.85
C LYS A 207 4.62 -9.95 -26.67
N SER A 208 4.18 -10.25 -27.89
CA SER A 208 3.66 -9.17 -28.69
C SER A 208 2.58 -9.53 -29.67
N PHE A 209 2.06 -8.50 -30.30
CA PHE A 209 1.05 -8.69 -31.31
C PHE A 209 1.08 -7.52 -32.26
N ASN A 210 0.65 -7.79 -33.48
CA ASN A 210 0.58 -6.78 -34.49
C ASN A 210 -0.88 -6.41 -34.56
N ARG A 211 -1.16 -5.14 -34.37
CA ARG A 211 -2.53 -4.66 -34.44
C ARG A 211 -2.92 -4.86 -35.89
N GLY A 212 -4.09 -5.45 -36.10
CA GLY A 212 -4.52 -5.68 -37.46
C GLY A 212 -4.36 -7.12 -37.90
N GLU A 213 -3.18 -7.71 -37.70
CA GLU A 213 -2.94 -9.09 -38.11
C GLU A 213 -4.09 -10.02 -37.84
N CYS A 214 -4.71 -10.51 -38.90
CA CYS A 214 -5.81 -11.43 -38.73
C CYS A 214 -5.54 -12.61 -39.63
N ARG B 1 -6.59 0.12 29.04
CA ARG B 1 -6.43 0.01 27.56
C ARG B 1 -6.62 1.36 26.87
N ILE B 2 -5.70 1.68 25.98
CA ILE B 2 -5.79 2.91 25.22
C ILE B 2 -6.32 2.55 23.82
N THR B 3 -7.27 3.32 23.34
CA THR B 3 -7.83 3.08 22.03
C THR B 3 -8.02 4.39 21.29
N LEU B 4 -7.81 4.35 19.98
CA LEU B 4 -8.01 5.52 19.16
C LEU B 4 -8.83 5.10 17.97
N LYS B 5 -9.57 6.05 17.43
CA LYS B 5 -10.37 5.74 16.26
C LYS B 5 -10.53 6.98 15.40
N GLU B 6 -10.27 6.81 14.11
CA GLU B 6 -10.35 7.89 13.16
C GLU B 6 -11.73 8.00 12.55
N SER B 7 -12.17 9.21 12.30
CA SER B 7 -13.46 9.38 11.66
C SER B 7 -13.43 10.56 10.72
N GLY B 8 -14.28 10.50 9.71
CA GLY B 8 -14.33 11.55 8.73
C GLY B 8 -14.93 10.99 7.45
N PRO B 9 -14.86 11.73 6.35
CA PRO B 9 -15.41 11.27 5.08
C PRO B 9 -14.51 10.35 4.24
N PRO B 10 -15.09 9.27 3.69
CA PRO B 10 -14.41 8.28 2.85
C PRO B 10 -14.04 8.91 1.52
N LEU B 11 -14.80 9.93 1.15
CA LEU B 11 -14.61 10.60 -0.11
C LEU B 11 -14.56 12.10 -0.04
N VAL B 12 -13.62 12.67 -0.78
CA VAL B 12 -13.49 14.10 -0.84
C VAL B 12 -13.08 14.46 -2.24
N LYS B 13 -13.54 15.62 -2.69
CA LYS B 13 -13.20 16.10 -4.00
C LYS B 13 -12.01 17.03 -3.95
N PRO B 14 -11.27 17.10 -5.05
CA PRO B 14 -10.09 17.93 -5.21
C PRO B 14 -10.44 19.40 -4.97
N THR B 15 -9.52 20.08 -4.30
CA THR B 15 -9.60 21.49 -3.91
C THR B 15 -10.37 21.59 -2.61
N GLN B 16 -11.08 20.54 -2.25
CA GLN B 16 -11.83 20.58 -1.02
C GLN B 16 -11.03 20.40 0.26
N THR B 17 -11.69 20.69 1.38
CA THR B 17 -11.06 20.59 2.67
C THR B 17 -11.47 19.33 3.37
N LEU B 18 -10.47 18.65 3.92
CA LEU B 18 -10.68 17.41 4.61
C LEU B 18 -10.45 17.55 6.10
N THR B 19 -11.46 17.16 6.87
CA THR B 19 -11.41 17.22 8.32
C THR B 19 -11.51 15.81 8.89
N LEU B 20 -10.48 15.43 9.63
CA LEU B 20 -10.44 14.12 10.25
C LEU B 20 -10.45 14.29 11.75
N THR B 21 -11.15 13.38 12.41
CA THR B 21 -11.24 13.41 13.85
C THR B 21 -10.69 12.12 14.45
N CYS B 22 -9.96 12.29 15.55
CA CYS B 22 -9.37 11.16 16.24
C CYS B 22 -9.96 11.18 17.63
N SER B 23 -10.76 10.16 17.93
CA SER B 23 -11.40 10.04 19.23
C SER B 23 -10.67 8.99 20.05
N PHE B 24 -10.26 9.36 21.25
CA PHE B 24 -9.53 8.42 22.09
C PHE B 24 -10.10 8.21 23.49
N SER B 25 -9.60 7.15 24.13
CA SER B 25 -9.97 6.81 25.49
C SER B 25 -8.78 6.11 26.12
N GLY B 26 -8.74 6.13 27.45
CA GLY B 26 -7.64 5.50 28.16
C GLY B 26 -6.57 6.50 28.52
N PHE B 27 -6.69 7.73 28.03
CA PHE B 27 -5.72 8.76 28.34
C PHE B 27 -6.31 10.14 28.11
N SER B 28 -5.66 11.15 28.68
CA SER B 28 -6.14 12.51 28.52
C SER B 28 -5.07 13.35 27.86
N LEU B 29 -5.46 14.38 27.13
CA LEU B 29 -4.48 15.26 26.54
C LEU B 29 -4.30 16.44 27.47
N SER B 30 -4.24 16.11 28.76
CA SER B 30 -4.01 17.07 29.81
C SER B 30 -2.97 16.33 30.65
N ASP B 31 -2.74 15.08 30.29
CA ASP B 31 -1.76 14.23 30.95
C ASP B 31 -0.38 14.69 30.52
N PHE B 32 0.56 14.66 31.44
CA PHE B 32 1.89 15.14 31.15
C PHE B 32 2.68 14.53 30.00
N GLY B 33 3.06 15.38 29.06
CA GLY B 33 3.87 14.98 27.92
C GLY B 33 3.23 14.20 26.80
N VAL B 34 1.95 13.87 26.93
CA VAL B 34 1.27 13.08 25.91
C VAL B 34 1.02 13.74 24.56
N GLY B 35 1.17 12.94 23.51
CA GLY B 35 0.92 13.44 22.17
C GLY B 35 -0.03 12.56 21.40
N VAL B 36 -0.54 13.10 20.30
CA VAL B 36 -1.43 12.38 19.41
C VAL B 36 -0.91 12.83 18.06
N GLY B 37 -0.59 11.87 17.20
CA GLY B 37 -0.08 12.24 15.90
C GLY B 37 -0.87 11.59 14.80
N TRP B 38 -0.68 12.10 13.60
CA TRP B 38 -1.34 11.59 12.41
C TRP B 38 -0.30 11.06 11.46
N ILE B 39 -0.56 9.90 10.89
CA ILE B 39 0.35 9.28 9.93
C ILE B 39 -0.53 8.73 8.82
N ARG B 40 -0.12 8.90 7.57
CA ARG B 40 -0.97 8.35 6.52
C ARG B 40 -0.27 7.29 5.71
N GLN B 41 -1.06 6.58 4.93
CA GLN B 41 -0.49 5.53 4.13
C GLN B 41 -1.19 5.34 2.81
N PRO B 42 -0.55 5.77 1.71
CA PRO B 42 -1.16 5.61 0.40
C PRO B 42 -1.22 4.11 0.09
N PRO B 43 -2.21 3.70 -0.71
CA PRO B 43 -2.33 2.27 -1.05
C PRO B 43 -1.03 1.70 -1.62
N GLY B 44 -0.51 0.67 -0.99
CA GLY B 44 0.71 0.03 -1.46
C GLY B 44 1.97 0.78 -1.10
N LYS B 45 1.86 1.85 -0.35
CA LYS B 45 3.05 2.60 -0.04
C LYS B 45 3.49 2.63 1.42
N ALA B 46 4.54 3.39 1.67
CA ALA B 46 5.08 3.49 3.01
C ALA B 46 4.39 4.54 3.86
N LEU B 47 4.66 4.46 5.15
CA LEU B 47 4.12 5.39 6.13
C LEU B 47 4.74 6.76 5.99
N GLU B 48 3.90 7.78 6.09
CA GLU B 48 4.33 9.16 5.99
C GLU B 48 3.81 9.93 7.18
N TRP B 49 4.73 10.54 7.92
CA TRP B 49 4.38 11.31 9.10
C TRP B 49 3.76 12.67 8.71
N LEU B 50 2.67 13.03 9.37
CA LEU B 50 1.99 14.29 9.06
C LEU B 50 2.04 15.35 10.15
N ALA B 51 1.72 14.98 11.39
CA ALA B 51 1.73 15.96 12.48
C ALA B 51 1.54 15.39 13.87
N ILE B 52 1.78 16.24 14.86
CA ILE B 52 1.63 15.83 16.23
C ILE B 52 1.24 16.98 17.12
N ILE B 53 0.41 16.69 18.11
CA ILE B 53 0.00 17.68 19.07
C ILE B 53 0.15 17.08 20.47
N TYR B 54 0.66 17.91 21.37
CA TYR B 54 0.88 17.50 22.76
C TYR B 54 -0.10 18.15 23.73
N SER B 55 -0.13 17.60 24.94
CA SER B 55 -0.99 18.10 26.00
C SER B 55 -0.79 19.56 26.33
N ASP B 56 0.38 20.10 26.05
CA ASP B 56 0.64 21.50 26.35
C ASP B 56 0.32 22.38 25.15
N ASP B 57 -0.33 21.78 24.16
CA ASP B 57 -0.76 22.42 22.92
C ASP B 57 0.37 22.79 21.95
N ASP B 58 1.52 22.14 22.16
CA ASP B 58 2.70 22.31 21.32
C ASP B 58 2.35 21.57 20.04
N LYS B 59 2.68 22.16 18.89
CA LYS B 59 2.37 21.55 17.60
C LYS B 59 3.49 21.46 16.61
N ARG B 60 3.51 20.36 15.86
CA ARG B 60 4.52 20.18 14.86
C ARG B 60 3.90 19.58 13.61
N TYR B 61 4.36 20.04 12.45
CA TYR B 61 3.84 19.60 11.17
C TYR B 61 4.93 19.15 10.21
N SER B 62 4.49 18.40 9.21
CA SER B 62 5.35 17.94 8.14
C SER B 62 5.67 19.23 7.36
N PRO B 63 6.96 19.53 7.16
CA PRO B 63 7.47 20.71 6.45
C PRO B 63 6.98 20.78 5.02
N SER B 64 6.64 19.62 4.48
CA SER B 64 6.20 19.50 3.10
C SER B 64 4.70 19.59 2.92
N LEU B 65 3.96 19.59 4.02
CA LEU B 65 2.51 19.64 3.99
C LEU B 65 1.99 20.73 4.90
N ASN B 66 2.94 21.41 5.52
CA ASN B 66 2.67 22.46 6.46
C ASN B 66 1.68 23.55 6.08
N THR B 67 1.64 24.01 4.83
CA THR B 67 0.70 25.06 4.50
C THR B 67 -0.74 24.60 4.34
N ARG B 68 -0.96 23.28 4.36
CA ARG B 68 -2.29 22.74 4.21
C ARG B 68 -2.80 22.04 5.45
N LEU B 69 -1.98 21.95 6.49
CA LEU B 69 -2.40 21.26 7.70
C LEU B 69 -2.61 22.10 8.94
N THR B 70 -3.62 21.71 9.70
CA THR B 70 -3.95 22.37 10.96
C THR B 70 -4.27 21.22 11.91
N ILE B 71 -3.65 21.19 13.07
CA ILE B 71 -3.97 20.13 14.02
C ILE B 71 -4.47 20.80 15.28
N THR B 72 -5.49 20.22 15.88
CA THR B 72 -6.08 20.83 17.05
C THR B 72 -6.68 19.75 17.97
N LYS B 73 -6.84 20.08 19.25
CA LYS B 73 -7.36 19.10 20.19
C LYS B 73 -8.45 19.64 21.06
N ASP B 74 -9.38 18.76 21.45
CA ASP B 74 -10.44 19.15 22.36
C ASP B 74 -10.26 18.21 23.55
N THR B 75 -9.59 18.74 24.56
CA THR B 75 -9.26 17.99 25.75
C THR B 75 -10.47 17.44 26.47
N SER B 76 -11.56 18.21 26.47
CA SER B 76 -12.76 17.76 27.14
C SER B 76 -13.44 16.67 26.36
N LYS B 77 -13.41 16.70 25.03
CA LYS B 77 -14.05 15.58 24.36
C LYS B 77 -13.13 14.49 23.86
N ASN B 78 -11.90 14.48 24.37
CA ASN B 78 -10.90 13.48 23.99
C ASN B 78 -10.91 13.28 22.50
N GLN B 79 -10.53 14.35 21.81
CA GLN B 79 -10.48 14.31 20.37
C GLN B 79 -9.38 15.19 19.86
N VAL B 80 -8.85 14.81 18.71
CA VAL B 80 -7.81 15.56 18.04
C VAL B 80 -8.29 15.65 16.59
N VAL B 81 -8.21 16.85 16.03
CA VAL B 81 -8.68 17.04 14.68
C VAL B 81 -7.58 17.51 13.74
N LEU B 82 -7.59 16.95 12.54
CA LEU B 82 -6.63 17.31 11.52
C LEU B 82 -7.44 17.84 10.35
N VAL B 83 -7.09 19.04 9.90
CA VAL B 83 -7.77 19.64 8.77
C VAL B 83 -6.75 19.78 7.65
N MET B 84 -7.08 19.25 6.49
CA MET B 84 -6.19 19.33 5.34
C MET B 84 -6.86 20.14 4.24
N THR B 85 -6.34 21.32 3.94
CA THR B 85 -6.96 22.10 2.89
C THR B 85 -6.47 21.72 1.49
N ARG B 86 -7.30 22.08 0.51
CA ARG B 86 -7.08 21.83 -0.91
C ARG B 86 -6.33 20.55 -1.25
N VAL B 87 -7.06 19.46 -1.20
CA VAL B 87 -6.54 18.15 -1.50
C VAL B 87 -6.48 17.81 -2.98
N SER B 88 -5.67 16.81 -3.28
CA SER B 88 -5.56 16.31 -4.63
C SER B 88 -5.64 14.81 -4.48
N PRO B 89 -5.65 14.09 -5.60
CA PRO B 89 -5.72 12.63 -5.64
C PRO B 89 -4.56 11.94 -4.95
N VAL B 90 -3.45 12.64 -4.79
CA VAL B 90 -2.29 12.06 -4.12
C VAL B 90 -2.48 12.07 -2.62
N ASP B 91 -3.56 12.71 -2.17
CA ASP B 91 -3.82 12.74 -0.74
C ASP B 91 -4.62 11.50 -0.38
N THR B 92 -4.95 10.73 -1.40
CA THR B 92 -5.70 9.49 -1.24
C THR B 92 -4.82 8.54 -0.43
N ALA B 93 -5.34 8.05 0.69
CA ALA B 93 -4.56 7.16 1.54
C ALA B 93 -5.36 6.75 2.77
N THR B 94 -4.76 5.89 3.59
CA THR B 94 -5.40 5.51 4.84
C THR B 94 -4.74 6.44 5.84
N TYR B 95 -5.56 7.03 6.71
CA TYR B 95 -5.11 7.98 7.71
C TYR B 95 -5.19 7.43 9.12
N PHE B 96 -4.07 7.44 9.82
CA PHE B 96 -4.02 6.93 11.19
C PHE B 96 -3.77 7.97 12.26
N CYS B 97 -4.35 7.76 13.43
CA CYS B 97 -4.01 8.63 14.53
C CYS B 97 -3.35 7.69 15.53
N ALA B 98 -2.38 8.23 16.26
CA ALA B 98 -1.64 7.40 17.19
C ALA B 98 -1.21 8.14 18.44
N HIS B 99 -1.06 7.34 19.49
CA HIS B 99 -0.68 7.84 20.80
C HIS B 99 0.82 7.84 21.02
N ARG B 100 1.30 8.89 21.68
CA ARG B 100 2.71 8.99 22.01
C ARG B 100 2.80 9.17 23.51
N ARG B 101 3.54 8.29 24.18
CA ARG B 101 3.67 8.39 25.61
C ARG B 101 4.50 9.60 25.99
N GLY B 102 4.19 10.14 27.16
CA GLY B 102 4.94 11.25 27.68
C GLY B 102 5.99 10.59 28.55
N PRO B 103 6.91 11.36 29.16
CA PRO B 103 7.95 10.80 30.01
C PRO B 103 7.39 10.17 31.27
N THR B 104 8.13 9.20 31.79
CA THR B 104 7.77 8.51 33.00
C THR B 104 8.08 9.46 34.13
N THR B 105 7.19 9.51 35.11
CA THR B 105 7.39 10.39 36.26
C THR B 105 7.33 9.62 37.56
N LEU B 106 8.09 10.10 38.54
CA LEU B 106 8.13 9.50 39.85
C LEU B 106 7.88 10.68 40.77
N PHE B 107 6.78 10.64 41.51
CA PHE B 107 6.45 11.74 42.39
C PHE B 107 6.61 12.96 41.53
N GLY B 108 5.76 13.00 40.52
CA GLY B 108 5.78 14.10 39.59
C GLY B 108 7.12 14.43 39.00
N VAL B 109 8.15 13.60 39.20
CA VAL B 109 9.39 13.94 38.53
C VAL B 109 9.72 12.99 37.40
N PRO B 110 10.11 13.57 36.27
CA PRO B 110 10.52 13.02 34.99
C PRO B 110 11.76 12.18 35.23
N ILE B 111 11.65 10.87 35.15
CA ILE B 111 12.82 10.03 35.37
C ILE B 111 13.27 9.25 34.15
N ALA B 112 12.38 9.11 33.17
CA ALA B 112 12.73 8.37 31.97
C ALA B 112 12.08 8.95 30.74
N ARG B 113 12.88 9.21 29.72
CA ARG B 113 12.34 9.77 28.49
C ARG B 113 12.34 8.73 27.37
N GLY B 114 12.77 7.52 27.69
CA GLY B 114 12.82 6.46 26.71
C GLY B 114 11.50 6.06 26.08
N PRO B 115 10.39 6.05 26.84
CA PRO B 115 9.08 5.68 26.30
C PRO B 115 8.43 6.60 25.29
N VAL B 116 8.97 7.80 25.11
CA VAL B 116 8.40 8.73 24.14
C VAL B 116 8.97 8.43 22.76
N ASN B 117 9.86 7.46 22.70
CA ASN B 117 10.48 7.14 21.45
C ASN B 117 9.77 6.08 20.66
N ALA B 118 8.50 6.36 20.39
CA ALA B 118 7.63 5.48 19.63
C ALA B 118 6.21 6.01 19.72
N MET B 119 5.35 5.46 18.88
CA MET B 119 3.93 5.78 18.88
C MET B 119 3.45 4.37 19.22
N ASP B 120 3.06 4.18 20.47
CA ASP B 120 2.68 2.87 21.00
C ASP B 120 1.30 2.30 20.70
N VAL B 121 0.32 3.15 20.46
CA VAL B 121 -1.01 2.64 20.15
C VAL B 121 -1.56 3.39 18.97
N TRP B 122 -2.07 2.64 18.01
CA TRP B 122 -2.61 3.20 16.80
C TRP B 122 -4.08 2.91 16.63
N GLY B 123 -4.74 3.77 15.85
CA GLY B 123 -6.14 3.57 15.57
C GLY B 123 -6.16 2.60 14.39
N GLN B 124 -7.35 2.12 14.04
CA GLN B 124 -7.47 1.17 12.94
C GLN B 124 -7.19 1.83 11.59
N GLY B 125 -7.42 3.14 11.50
CA GLY B 125 -7.18 3.86 10.26
C GLY B 125 -8.42 4.14 9.45
N ILE B 126 -8.44 5.30 8.79
CA ILE B 126 -9.58 5.63 7.97
C ILE B 126 -9.14 5.87 6.53
N THR B 127 -9.82 5.20 5.61
CA THR B 127 -9.52 5.28 4.21
C THR B 127 -10.24 6.43 3.53
N VAL B 128 -9.45 7.27 2.87
CA VAL B 128 -9.99 8.43 2.20
C VAL B 128 -9.59 8.51 0.74
N THR B 129 -10.58 8.63 -0.14
CA THR B 129 -10.31 8.73 -1.55
C THR B 129 -10.63 10.12 -2.06
N ILE B 130 -9.80 10.60 -2.98
CA ILE B 130 -9.97 11.91 -3.54
C ILE B 130 -10.27 11.87 -5.02
N SER B 131 -11.55 11.97 -5.35
CA SER B 131 -11.97 11.99 -6.73
C SER B 131 -13.02 13.05 -6.95
N SER B 132 -12.93 13.68 -8.10
CA SER B 132 -13.86 14.73 -8.51
C SER B 132 -14.98 13.93 -9.12
N THR B 133 -14.79 12.62 -9.08
CA THR B 133 -15.71 11.72 -9.71
C THR B 133 -16.98 11.32 -9.00
N SER B 134 -17.94 10.90 -9.80
CA SER B 134 -19.24 10.51 -9.33
C SER B 134 -19.57 9.03 -9.60
N THR B 135 -20.47 8.49 -8.79
CA THR B 135 -20.86 7.10 -8.89
C THR B 135 -21.09 6.67 -10.32
N LYS B 136 -20.32 5.65 -10.72
CA LYS B 136 -20.41 5.16 -12.08
C LYS B 136 -20.06 3.69 -12.23
N GLY B 137 -20.87 3.00 -13.04
CA GLY B 137 -20.69 1.59 -13.28
C GLY B 137 -19.59 1.23 -14.27
N PRO B 138 -19.03 0.02 -14.14
CA PRO B 138 -17.96 -0.45 -15.01
C PRO B 138 -18.40 -0.91 -16.40
N SER B 139 -17.46 -0.80 -17.34
CA SER B 139 -17.66 -1.28 -18.68
C SER B 139 -16.83 -2.53 -18.56
N VAL B 140 -17.35 -3.66 -19.00
CA VAL B 140 -16.62 -4.90 -18.88
C VAL B 140 -16.17 -5.38 -20.23
N PHE B 141 -14.87 -5.56 -20.39
CA PHE B 141 -14.32 -5.99 -21.64
C PHE B 141 -13.64 -7.34 -21.50
N PRO B 142 -13.60 -8.10 -22.59
CA PRO B 142 -12.97 -9.42 -22.57
C PRO B 142 -11.46 -9.34 -22.74
N LEU B 143 -10.75 -10.27 -22.10
CA LEU B 143 -9.31 -10.37 -22.22
C LEU B 143 -9.16 -11.76 -22.78
N ALA B 144 -8.96 -11.85 -24.08
CA ALA B 144 -8.84 -13.14 -24.70
C ALA B 144 -7.46 -13.38 -25.26
N PRO B 145 -6.98 -14.64 -25.15
CA PRO B 145 -5.67 -15.11 -25.62
C PRO B 145 -5.02 -14.16 -26.63
N THR B 154 -0.63 -23.92 -20.73
CA THR B 154 -1.52 -23.05 -19.97
C THR B 154 -1.99 -21.87 -20.81
N ALA B 155 -3.29 -21.58 -20.76
CA ALA B 155 -3.87 -20.46 -21.51
C ALA B 155 -4.42 -19.43 -20.52
N ALA B 156 -4.28 -18.14 -20.84
CA ALA B 156 -4.76 -17.08 -19.95
C ALA B 156 -6.04 -16.45 -20.47
N LEU B 157 -6.76 -15.76 -19.60
CA LEU B 157 -8.04 -15.22 -20.01
C LEU B 157 -8.65 -14.35 -18.90
N GLY B 158 -9.55 -13.43 -19.26
CA GLY B 158 -10.13 -12.59 -18.23
C GLY B 158 -11.14 -11.52 -18.67
N CYS B 159 -11.56 -10.69 -17.73
CA CYS B 159 -12.48 -9.61 -18.01
C CYS B 159 -11.99 -8.34 -17.34
N LEU B 160 -11.68 -7.39 -18.18
CA LEU B 160 -11.29 -6.06 -17.74
C LEU B 160 -12.44 -5.26 -17.21
N VAL B 161 -12.38 -4.90 -15.94
CA VAL B 161 -13.45 -4.16 -15.31
C VAL B 161 -13.04 -2.71 -15.21
N LYS B 162 -13.42 -1.94 -16.23
CA LYS B 162 -13.02 -0.56 -16.34
C LYS B 162 -13.97 0.62 -16.14
N ASP B 163 -13.39 1.67 -15.57
CA ASP B 163 -14.05 2.95 -15.32
C ASP B 163 -15.26 2.98 -14.42
N TYR B 164 -15.05 2.60 -13.17
CA TYR B 164 -16.14 2.62 -12.24
C TYR B 164 -15.70 3.41 -11.03
N PHE B 165 -16.69 3.76 -10.22
CA PHE B 165 -16.43 4.52 -9.02
C PHE B 165 -17.71 4.48 -8.21
N PRO B 166 -17.59 4.30 -6.89
CA PRO B 166 -16.29 4.12 -6.22
C PRO B 166 -16.05 2.64 -5.99
N GLU B 167 -15.09 2.33 -5.13
CA GLU B 167 -14.85 0.93 -4.81
C GLU B 167 -16.03 0.60 -3.90
N PRO B 168 -16.38 -0.68 -3.80
CA PRO B 168 -15.67 -1.71 -4.54
C PRO B 168 -16.50 -2.37 -5.65
N VAL B 169 -15.95 -3.46 -6.18
CA VAL B 169 -16.61 -4.23 -7.21
C VAL B 169 -16.30 -5.70 -6.93
N THR B 170 -17.21 -6.61 -7.27
CA THR B 170 -16.97 -8.02 -7.00
C THR B 170 -16.80 -8.77 -8.31
N VAL B 171 -15.91 -9.74 -8.31
CA VAL B 171 -15.71 -10.52 -9.52
C VAL B 171 -15.62 -11.99 -9.22
N SER B 172 -16.40 -12.76 -9.95
CA SER B 172 -16.38 -14.19 -9.79
C SER B 172 -16.36 -14.78 -11.18
N TRP B 173 -15.97 -16.04 -11.24
CA TRP B 173 -15.90 -16.75 -12.48
C TRP B 173 -16.82 -17.94 -12.42
N ASN B 174 -17.64 -18.05 -13.46
CA ASN B 174 -18.59 -19.12 -13.60
C ASN B 174 -19.53 -19.25 -12.43
N SER B 175 -20.04 -18.09 -12.05
CA SER B 175 -21.01 -17.97 -10.99
C SER B 175 -20.55 -18.54 -9.66
N GLY B 176 -19.23 -18.59 -9.48
CA GLY B 176 -18.69 -19.10 -8.23
C GLY B 176 -18.04 -20.47 -8.31
N ALA B 177 -18.24 -21.17 -9.41
CA ALA B 177 -17.68 -22.50 -9.56
C ALA B 177 -16.22 -22.58 -10.02
N LEU B 178 -15.69 -21.48 -10.55
CA LEU B 178 -14.31 -21.48 -10.98
C LEU B 178 -13.59 -20.62 -9.97
N THR B 179 -12.60 -21.19 -9.30
CA THR B 179 -11.86 -20.44 -8.30
C THR B 179 -10.38 -20.72 -8.47
N SER B 180 -10.08 -21.89 -9.01
CA SER B 180 -8.72 -22.31 -9.21
C SER B 180 -8.07 -21.68 -10.44
N GLY B 181 -6.95 -21.01 -10.24
CA GLY B 181 -6.25 -20.37 -11.33
C GLY B 181 -6.74 -18.96 -11.57
N VAL B 182 -7.49 -18.44 -10.60
CA VAL B 182 -8.07 -17.11 -10.70
C VAL B 182 -7.26 -16.02 -10.00
N HIS B 183 -7.19 -14.86 -10.64
CA HIS B 183 -6.47 -13.76 -10.06
C HIS B 183 -7.18 -12.46 -10.30
N THR B 184 -7.78 -11.92 -9.24
CA THR B 184 -8.45 -10.66 -9.36
C THR B 184 -7.51 -9.66 -8.72
N PHE B 185 -7.05 -8.74 -9.54
CA PHE B 185 -6.12 -7.73 -9.12
C PHE B 185 -6.70 -6.54 -8.42
N PRO B 186 -5.85 -5.87 -7.64
CA PRO B 186 -6.23 -4.69 -6.89
C PRO B 186 -6.52 -3.67 -7.99
N ALA B 187 -7.52 -2.82 -7.77
CA ALA B 187 -7.86 -1.81 -8.75
C ALA B 187 -6.93 -0.62 -8.62
N VAL B 188 -6.68 0.06 -9.75
CA VAL B 188 -5.85 1.25 -9.74
C VAL B 188 -6.78 2.43 -10.00
N LEU B 189 -6.50 3.54 -9.31
CA LEU B 189 -7.28 4.76 -9.46
C LEU B 189 -6.61 5.49 -10.61
N GLN B 190 -7.33 5.61 -11.72
CA GLN B 190 -6.81 6.27 -12.90
C GLN B 190 -6.81 7.78 -12.75
N SER B 191 -6.01 8.46 -13.56
CA SER B 191 -5.94 9.90 -13.48
C SER B 191 -7.32 10.51 -13.73
N SER B 192 -8.25 9.70 -14.23
CA SER B 192 -9.60 10.19 -14.50
C SER B 192 -10.46 10.24 -13.25
N GLY B 193 -10.02 9.55 -12.20
CA GLY B 193 -10.77 9.53 -10.96
C GLY B 193 -11.61 8.27 -10.88
N LEU B 194 -11.42 7.40 -11.86
CA LEU B 194 -12.15 6.16 -11.92
C LEU B 194 -11.21 4.99 -11.74
N TYR B 195 -11.72 3.91 -11.17
CA TYR B 195 -10.93 2.72 -10.96
C TYR B 195 -11.00 1.78 -12.15
N SER B 196 -9.97 0.97 -12.28
CA SER B 196 -9.96 -0.03 -13.32
C SER B 196 -9.39 -1.26 -12.67
N LEU B 197 -9.77 -2.42 -13.17
CA LEU B 197 -9.33 -3.65 -12.54
C LEU B 197 -9.41 -4.80 -13.50
N SER B 198 -8.65 -5.85 -13.24
CA SER B 198 -8.71 -7.00 -14.10
C SER B 198 -8.76 -8.29 -13.31
N SER B 199 -9.40 -9.28 -13.91
CA SER B 199 -9.51 -10.59 -13.30
C SER B 199 -9.18 -11.54 -14.41
N VAL B 200 -8.23 -12.41 -14.16
CA VAL B 200 -7.80 -13.35 -15.17
C VAL B 200 -7.87 -14.73 -14.59
N VAL B 201 -7.90 -15.74 -15.46
CA VAL B 201 -7.89 -17.10 -15.01
C VAL B 201 -7.12 -17.95 -16.01
N THR B 202 -6.17 -18.73 -15.48
CA THR B 202 -5.35 -19.61 -16.30
C THR B 202 -5.87 -21.01 -16.21
N VAL B 203 -5.91 -21.66 -17.35
CA VAL B 203 -6.42 -23.01 -17.42
C VAL B 203 -5.67 -23.83 -18.42
N PRO B 204 -6.10 -25.09 -18.54
CA PRO B 204 -5.57 -26.09 -19.46
C PRO B 204 -6.06 -25.66 -20.84
N SER B 205 -5.09 -25.18 -21.64
CA SER B 205 -5.31 -24.71 -23.01
C SER B 205 -6.54 -25.39 -23.55
N SER B 206 -6.37 -26.70 -23.55
CA SER B 206 -7.31 -27.72 -24.00
C SER B 206 -8.79 -27.59 -23.68
N SER B 207 -9.15 -26.85 -22.63
CA SER B 207 -10.54 -26.77 -22.24
C SER B 207 -11.55 -25.99 -23.08
N GLN B 211 -15.00 -26.29 -22.01
CA GLN B 211 -15.51 -25.56 -20.85
C GLN B 211 -15.70 -24.08 -21.15
N THR B 212 -16.75 -23.48 -20.59
CA THR B 212 -16.99 -22.06 -20.81
C THR B 212 -16.51 -21.22 -19.64
N TYR B 213 -16.14 -19.98 -19.96
CA TYR B 213 -15.63 -19.06 -18.97
C TYR B 213 -16.42 -17.76 -18.97
N THR B 214 -16.97 -17.41 -17.81
CA THR B 214 -17.78 -16.21 -17.68
C THR B 214 -17.40 -15.35 -16.46
N CYS B 215 -17.09 -14.07 -16.71
CA CYS B 215 -16.78 -13.17 -15.60
C CYS B 215 -18.04 -12.55 -15.05
N ASN B 216 -18.28 -12.85 -13.78
CA ASN B 216 -19.40 -12.27 -13.05
C ASN B 216 -19.02 -11.03 -12.31
N VAL B 217 -19.55 -9.91 -12.77
CA VAL B 217 -19.22 -8.63 -12.20
C VAL B 217 -20.34 -7.84 -11.54
N ASN B 218 -20.08 -7.36 -10.33
CA ASN B 218 -21.09 -6.59 -9.62
C ASN B 218 -20.51 -5.37 -8.91
N HIS B 219 -20.97 -4.19 -9.32
CA HIS B 219 -20.57 -2.95 -8.70
C HIS B 219 -21.85 -2.47 -8.04
N LYS B 220 -21.94 -2.67 -6.73
CA LYS B 220 -23.13 -2.29 -6.00
C LYS B 220 -23.46 -0.81 -5.91
N PRO B 221 -22.45 0.04 -5.71
CA PRO B 221 -22.73 1.48 -5.63
C PRO B 221 -23.58 2.00 -6.79
N SER B 222 -23.28 1.49 -7.99
CA SER B 222 -23.97 1.90 -9.20
C SER B 222 -25.11 0.97 -9.61
N ASN B 223 -25.20 -0.17 -8.93
CA ASN B 223 -26.23 -1.15 -9.26
C ASN B 223 -26.00 -1.65 -10.66
N THR B 224 -24.78 -2.10 -10.89
CA THR B 224 -24.39 -2.61 -12.18
C THR B 224 -23.96 -4.06 -12.07
N LYS B 225 -24.72 -4.92 -12.73
CA LYS B 225 -24.44 -6.33 -12.70
C LYS B 225 -24.18 -6.83 -14.11
N VAL B 226 -23.03 -7.43 -14.33
CA VAL B 226 -22.71 -7.93 -15.65
C VAL B 226 -22.11 -9.32 -15.69
N ASP B 227 -22.60 -10.12 -16.64
CA ASP B 227 -22.09 -11.45 -16.85
C ASP B 227 -21.51 -11.47 -18.25
N LYS B 228 -20.24 -11.81 -18.32
CA LYS B 228 -19.53 -11.79 -19.60
C LYS B 228 -18.85 -13.10 -19.94
N ARG B 229 -19.32 -13.72 -21.01
CA ARG B 229 -18.72 -14.96 -21.48
C ARG B 229 -17.52 -14.56 -22.30
N VAL B 230 -16.38 -15.14 -22.01
CA VAL B 230 -15.16 -14.79 -22.71
C VAL B 230 -14.60 -15.94 -23.54
N GLU B 231 -14.51 -15.79 -24.85
CA GLU B 231 -13.87 -16.86 -25.59
C GLU B 231 -12.64 -16.44 -26.36
N PRO B 232 -11.72 -17.41 -26.57
CA PRO B 232 -10.41 -17.52 -27.22
C PRO B 232 -10.16 -17.04 -28.65
N GLU C 1 15.32 20.47 13.18
CA GLU C 1 14.76 20.92 14.49
C GLU C 1 14.58 19.68 15.35
N LEU C 2 15.12 19.72 16.55
CA LEU C 2 15.01 18.57 17.43
C LEU C 2 13.64 18.29 18.02
N ASP C 3 13.46 17.04 18.42
CA ASP C 3 12.24 16.54 19.01
C ASP C 3 11.99 17.23 20.35
N LYS C 4 10.76 17.12 20.83
CA LYS C 4 10.33 17.73 22.08
C LYS C 4 11.08 17.28 23.31
N TRP C 5 11.39 15.99 23.37
CA TRP C 5 12.06 15.45 24.55
C TRP C 5 13.55 15.34 24.54
N ASN C 6 14.16 15.87 23.50
CA ASN C 6 15.58 15.84 23.33
C ASN C 6 16.34 16.59 24.38
N SER C 7 15.74 17.60 25.00
CA SER C 7 16.62 18.26 25.98
C SER C 7 16.29 18.01 27.44
N LEU C 8 15.61 16.92 27.69
CA LEU C 8 15.06 16.60 29.05
C LEU C 8 16.21 15.76 29.76
#